data_4YAY
#
_entry.id   4YAY
#
_cell.length_a   72.800
_cell.length_b   41.000
_cell.length_c   167.700
_cell.angle_alpha   90.00
_cell.angle_beta   99.40
_cell.angle_gamma   90.00
#
_symmetry.space_group_name_H-M   'C 1 2 1'
#
loop_
_entity.id
_entity.type
_entity.pdbx_description
1 polymer 'Soluble cytochrome b562,Type-1 angiotensin II receptor'
2 non-polymer "5,7-diethyl-1-{[2'-(1H-tetrazol-5-yl)biphenyl-4-yl]methyl}-3,4-dihydro-1,6-naphthyridin-2(1H)-one"
#
_entity_poly.entity_id   1
_entity_poly.type   'polypeptide(L)'
_entity_poly.pdbx_seq_one_letter_code
;ADLEDNWETLNDNLKVIEKADNAAQVKDALTKMRAAALDAQKATPPKLEDKSPDSPEMKDFRHGFDILVGQIDDALKLAN
EGKVKEAQAAAEQLKTTRNAYIQKYLILNSSDCPKAGRHNYIFVMIPTLYSIIFVVGIFGNSLVVIVIYFYMKLKTVASV
FLLNLALADLCFLLTLPLWAVYTAMEYRWPFGNYLCKIASASVSFNLYASVFLLTCLSIDRYLAIVHPMKSRLRRTMLVA
KVTCIIIWLLAGLASLPAIIHRNVFFIENTNITVCAFHYESQNSTLPIGLGLTKNILGFLFPFLIILTSYTLIWKALKKA
YEIQKNKPRNDDIFKIIMAIVLFFFFSWIPHQIFTFLDVLIQLGIIRDCRIADIVDTAMPITICIAYFNNCLNPLFYGFL
GKKFKRYFLQLLKY
;
_entity_poly.pdbx_strand_id   A
#
# COMPACT_ATOMS: atom_id res chain seq x y z
N ASP A 2 -2.90 19.25 2.38
CA ASP A 2 -2.20 18.35 3.31
C ASP A 2 -2.04 19.02 4.69
N LEU A 3 -2.49 18.32 5.75
CA LEU A 3 -2.42 18.77 7.14
C LEU A 3 -0.98 18.77 7.64
N GLU A 4 -0.20 17.74 7.23
CA GLU A 4 1.21 17.54 7.60
C GLU A 4 2.09 18.67 7.06
N ASP A 5 1.75 19.17 5.84
CA ASP A 5 2.47 20.27 5.17
C ASP A 5 2.26 21.57 5.93
N ASN A 6 0.99 21.93 6.23
CA ASN A 6 0.60 23.13 6.99
C ASN A 6 1.13 23.07 8.41
N TRP A 7 1.30 21.84 8.94
CA TRP A 7 1.84 21.60 10.28
C TRP A 7 3.34 21.92 10.31
N GLU A 8 4.05 21.68 9.20
CA GLU A 8 5.47 21.99 9.05
C GLU A 8 5.65 23.49 8.80
N THR A 9 4.63 24.13 8.17
CA THR A 9 4.59 25.56 7.89
C THR A 9 4.51 26.35 9.21
N LEU A 10 3.80 25.81 10.22
CA LEU A 10 3.65 26.43 11.52
C LEU A 10 4.93 26.33 12.37
N ASN A 11 5.55 25.14 12.42
CA ASN A 11 6.74 24.86 13.23
C ASN A 11 7.98 25.60 12.72
N ASP A 12 8.16 25.69 11.39
CA ASP A 12 9.31 26.37 10.79
C ASP A 12 9.18 27.90 10.89
N ASN A 13 7.95 28.44 10.77
CA ASN A 13 7.69 29.89 10.86
C ASN A 13 7.81 30.38 12.31
N LEU A 14 7.68 29.46 13.29
CA LEU A 14 7.84 29.79 14.71
C LEU A 14 9.31 30.03 15.00
N LYS A 15 10.20 29.25 14.34
CA LYS A 15 11.65 29.35 14.46
C LYS A 15 12.14 30.71 13.93
N VAL A 16 11.43 31.25 12.90
CA VAL A 16 11.69 32.55 12.27
C VAL A 16 11.39 33.66 13.31
N ILE A 17 10.25 33.55 14.01
CA ILE A 17 9.79 34.47 15.07
C ILE A 17 10.77 34.43 16.26
N GLU A 18 11.27 33.23 16.63
CA GLU A 18 12.22 33.02 17.73
C GLU A 18 13.57 33.69 17.48
N LYS A 19 13.92 33.97 16.21
CA LYS A 19 15.18 34.61 15.84
C LYS A 19 14.95 36.02 15.23
N ALA A 20 13.69 36.47 15.10
CA ALA A 20 13.29 37.76 14.54
C ALA A 20 13.78 38.94 15.41
N ASP A 21 14.13 40.07 14.77
CA ASP A 21 14.61 41.27 15.44
C ASP A 21 13.52 42.35 15.46
N ASN A 22 12.99 42.71 14.28
CA ASN A 22 11.95 43.74 14.14
C ASN A 22 10.55 43.12 13.99
N ALA A 23 9.50 43.96 14.17
CA ALA A 23 8.08 43.59 14.09
C ALA A 23 7.66 43.13 12.69
N ALA A 24 8.28 43.68 11.63
CA ALA A 24 8.01 43.33 10.22
C ALA A 24 8.35 41.86 9.93
N GLN A 25 9.39 41.32 10.61
CA GLN A 25 9.81 39.92 10.48
C GLN A 25 8.82 38.99 11.18
N VAL A 26 8.20 39.47 12.27
CA VAL A 26 7.21 38.74 13.08
C VAL A 26 5.84 38.78 12.34
N LYS A 27 5.47 39.95 11.77
CA LYS A 27 4.22 40.19 11.05
C LYS A 27 4.04 39.23 9.87
N ASP A 28 5.02 39.19 8.95
CA ASP A 28 5.02 38.33 7.75
C ASP A 28 5.00 36.84 8.09
N ALA A 29 5.67 36.44 9.20
CA ALA A 29 5.73 35.06 9.65
C ALA A 29 4.39 34.59 10.21
N LEU A 30 3.70 35.45 11.00
CA LEU A 30 2.39 35.14 11.59
C LEU A 30 1.26 35.19 10.56
N THR A 31 1.46 35.94 9.44
CA THR A 31 0.49 36.06 8.35
C THR A 31 0.42 34.71 7.60
N LYS A 32 1.60 34.10 7.35
CA LYS A 32 1.74 32.80 6.69
C LYS A 32 1.16 31.68 7.57
N MET A 33 1.37 31.79 8.89
CA MET A 33 0.86 30.87 9.92
C MET A 33 -0.65 30.95 10.03
N ARG A 34 -1.24 32.16 9.86
CA ARG A 34 -2.69 32.40 9.96
C ARG A 34 -3.43 31.67 8.86
N ALA A 35 -3.00 31.84 7.59
CA ALA A 35 -3.61 31.19 6.44
C ALA A 35 -3.41 29.67 6.50
N ALA A 36 -2.29 29.22 7.10
CA ALA A 36 -1.95 27.81 7.27
C ALA A 36 -2.94 27.08 8.18
N ALA A 37 -3.25 27.64 9.36
CA ALA A 37 -4.19 27.05 10.32
C ALA A 37 -5.66 27.15 9.84
N LEU A 38 -5.95 28.04 8.86
CA LEU A 38 -7.30 28.22 8.32
C LEU A 38 -7.67 27.05 7.37
N ASP A 39 -6.76 26.64 6.47
CA ASP A 39 -7.04 25.53 5.54
C ASP A 39 -6.72 24.17 6.21
N ALA A 40 -6.06 24.18 7.40
CA ALA A 40 -5.77 22.98 8.20
C ALA A 40 -7.01 22.62 9.03
N GLN A 41 -7.88 23.63 9.26
CA GLN A 41 -9.17 23.53 9.95
C GLN A 41 -10.19 22.84 9.04
N LYS A 42 -10.02 23.04 7.70
CA LYS A 42 -10.82 22.46 6.62
C LYS A 42 -10.48 20.97 6.43
N ALA A 43 -9.32 20.55 6.96
CA ALA A 43 -8.80 19.19 6.86
C ALA A 43 -9.38 18.24 7.94
N THR A 44 -8.98 16.95 7.89
CA THR A 44 -9.42 15.89 8.79
C THR A 44 -8.19 15.19 9.43
N PRO A 45 -8.11 15.16 10.79
CA PRO A 45 -6.94 14.54 11.46
C PRO A 45 -6.80 13.03 11.20
N PRO A 46 -5.59 12.46 11.42
CA PRO A 46 -5.36 11.04 11.09
C PRO A 46 -6.20 10.01 11.85
N LYS A 47 -6.65 10.30 13.08
CA LYS A 47 -7.41 9.29 13.81
C LYS A 47 -8.94 9.38 13.57
N LEU A 48 -9.41 10.39 12.81
CA LEU A 48 -10.84 10.57 12.58
C LEU A 48 -11.22 10.47 11.10
N GLU A 49 -10.67 9.45 10.40
CA GLU A 49 -10.86 9.16 8.98
C GLU A 49 -12.33 8.88 8.61
N ASP A 50 -13.13 8.31 9.52
CA ASP A 50 -14.53 8.00 9.26
C ASP A 50 -15.42 8.64 10.32
N LYS A 51 -15.27 9.97 10.46
CA LYS A 51 -16.03 10.83 11.37
C LYS A 51 -16.59 12.00 10.59
N SER A 52 -17.94 12.09 10.50
CA SER A 52 -18.66 13.16 9.80
C SER A 52 -18.13 14.55 10.21
N PRO A 53 -18.00 15.52 9.26
CA PRO A 53 -17.50 16.86 9.63
C PRO A 53 -18.55 17.68 10.40
N ASP A 54 -19.32 17.00 11.27
CA ASP A 54 -20.38 17.53 12.13
C ASP A 54 -20.36 16.87 13.51
N SER A 55 -19.61 15.76 13.64
CA SER A 55 -19.45 14.99 14.86
C SER A 55 -18.75 15.82 15.94
N PRO A 56 -18.99 15.55 17.26
CA PRO A 56 -18.31 16.34 18.31
C PRO A 56 -16.78 16.22 18.26
N GLU A 57 -16.25 15.10 17.70
CA GLU A 57 -14.81 14.85 17.53
C GLU A 57 -14.19 15.87 16.58
N MET A 58 -14.73 16.00 15.35
CA MET A 58 -14.27 16.94 14.33
C MET A 58 -14.48 18.40 14.75
N LYS A 59 -15.55 18.68 15.52
CA LYS A 59 -15.86 20.01 16.04
C LYS A 59 -14.80 20.43 17.07
N ASP A 60 -14.30 19.46 17.86
CA ASP A 60 -13.24 19.67 18.86
C ASP A 60 -11.90 19.91 18.14
N PHE A 61 -11.74 19.33 16.94
CA PHE A 61 -10.54 19.52 16.13
C PHE A 61 -10.53 20.93 15.56
N ARG A 62 -11.66 21.37 14.97
CA ARG A 62 -11.83 22.68 14.36
C ARG A 62 -11.71 23.81 15.41
N HIS A 63 -12.28 23.59 16.63
CA HIS A 63 -12.22 24.52 17.76
C HIS A 63 -10.76 24.73 18.22
N GLY A 64 -9.96 23.67 18.14
CA GLY A 64 -8.55 23.67 18.51
C GLY A 64 -7.74 24.68 17.73
N PHE A 65 -7.97 24.76 16.41
CA PHE A 65 -7.28 25.70 15.54
C PHE A 65 -7.87 27.10 15.67
N ASP A 66 -9.16 27.22 16.10
CA ASP A 66 -9.79 28.53 16.33
C ASP A 66 -9.06 29.25 17.46
N ILE A 67 -8.68 28.50 18.52
CA ILE A 67 -7.90 28.99 19.68
C ILE A 67 -6.49 29.36 19.15
N LEU A 68 -5.91 28.52 18.26
CA LEU A 68 -4.61 28.76 17.66
C LEU A 68 -4.62 30.06 16.85
N VAL A 69 -5.70 30.32 16.06
CA VAL A 69 -5.86 31.55 15.29
C VAL A 69 -5.90 32.73 16.28
N GLY A 70 -6.67 32.57 17.36
CA GLY A 70 -6.81 33.56 18.43
C GLY A 70 -5.50 33.96 19.07
N GLN A 71 -4.64 32.97 19.39
CA GLN A 71 -3.31 33.18 19.97
C GLN A 71 -2.41 33.93 18.99
N ILE A 72 -2.57 33.66 17.67
CA ILE A 72 -1.82 34.31 16.58
C ILE A 72 -2.37 35.75 16.40
N ASP A 73 -3.71 35.93 16.52
CA ASP A 73 -4.41 37.22 16.41
C ASP A 73 -3.99 38.22 17.51
N ASP A 74 -3.68 37.71 18.71
CA ASP A 74 -3.21 38.53 19.83
C ASP A 74 -1.76 38.95 19.56
N ALA A 75 -0.94 38.03 19.02
CA ALA A 75 0.47 38.24 18.66
C ALA A 75 0.60 39.22 17.50
N LEU A 76 -0.36 39.19 16.53
CA LEU A 76 -0.40 40.11 15.39
C LEU A 76 -0.73 41.53 15.87
N LYS A 77 -1.68 41.64 16.82
CA LYS A 77 -2.11 42.89 17.44
C LYS A 77 -0.92 43.58 18.14
N LEU A 78 -0.06 42.78 18.80
CA LEU A 78 1.14 43.25 19.50
C LEU A 78 2.22 43.72 18.52
N ALA A 79 2.43 42.99 17.41
CA ALA A 79 3.41 43.31 16.37
C ALA A 79 3.02 44.62 15.65
N ASN A 80 1.71 44.84 15.42
CA ASN A 80 1.16 46.02 14.77
C ASN A 80 1.34 47.26 15.67
N GLU A 81 1.31 47.06 17.01
CA GLU A 81 1.52 48.12 18.00
C GLU A 81 3.00 48.50 18.05
N GLY A 82 3.88 47.55 17.71
CA GLY A 82 5.32 47.73 17.69
C GLY A 82 6.09 46.79 18.59
N LYS A 83 5.40 46.21 19.61
CA LYS A 83 5.94 45.28 20.60
C LYS A 83 6.38 43.97 19.93
N VAL A 84 7.69 43.72 19.89
CA VAL A 84 8.30 42.53 19.25
C VAL A 84 8.52 41.43 20.30
N LYS A 85 9.13 41.78 21.45
CA LYS A 85 9.44 40.89 22.58
C LYS A 85 8.17 40.23 23.14
N GLU A 86 7.05 40.97 23.12
CA GLU A 86 5.74 40.54 23.61
C GLU A 86 5.01 39.69 22.57
N ALA A 87 5.17 40.01 21.26
CA ALA A 87 4.57 39.27 20.15
C ALA A 87 5.20 37.88 20.02
N GLN A 88 6.50 37.76 20.35
CA GLN A 88 7.26 36.51 20.35
C GLN A 88 6.81 35.58 21.47
N ALA A 89 6.39 36.15 22.61
CA ALA A 89 5.90 35.42 23.79
C ALA A 89 4.53 34.79 23.51
N ALA A 90 3.64 35.52 22.80
CA ALA A 90 2.31 35.05 22.46
C ALA A 90 2.36 33.97 21.36
N ALA A 91 3.40 34.02 20.50
CA ALA A 91 3.61 33.05 19.42
C ALA A 91 4.05 31.70 19.98
N GLU A 92 4.78 31.70 21.12
CA GLU A 92 5.26 30.51 21.82
C GLU A 92 4.11 29.64 22.38
N GLN A 93 2.86 30.13 22.27
CA GLN A 93 1.67 29.42 22.74
C GLN A 93 1.24 28.38 21.69
N LEU A 94 1.85 28.42 20.48
CA LEU A 94 1.64 27.45 19.40
C LEU A 94 2.12 26.07 19.87
N LYS A 95 3.26 26.02 20.59
CA LYS A 95 3.87 24.80 21.12
C LYS A 95 2.92 24.00 22.04
N THR A 96 1.96 24.67 22.71
CA THR A 96 0.96 24.03 23.57
C THR A 96 -0.04 23.25 22.67
N THR A 97 -0.56 23.92 21.62
CA THR A 97 -1.51 23.42 20.63
C THR A 97 -0.81 22.32 19.80
N ARG A 98 0.49 22.53 19.52
CA ARG A 98 1.31 21.59 18.77
C ARG A 98 1.49 20.29 19.55
N ASN A 99 1.72 20.39 20.86
CA ASN A 99 1.89 19.20 21.69
C ASN A 99 0.52 18.56 21.99
N ALA A 100 -0.58 19.36 21.96
CA ALA A 100 -1.94 18.87 22.17
C ALA A 100 -2.45 18.07 20.96
N TYR A 101 -2.04 18.45 19.75
CA TYR A 101 -2.44 17.79 18.51
C TYR A 101 -1.75 16.42 18.35
N ILE A 102 -0.43 16.34 18.63
CA ILE A 102 0.36 15.10 18.48
C ILE A 102 -0.07 14.05 19.53
N GLN A 103 -0.55 14.49 20.70
CA GLN A 103 -0.98 13.57 21.76
C GLN A 103 -2.40 13.06 21.48
N LYS A 104 -3.23 13.84 20.78
CA LYS A 104 -4.61 13.48 20.47
C LYS A 104 -4.77 12.67 19.18
N TYR A 105 -4.04 13.02 18.11
CA TYR A 105 -4.25 12.37 16.82
C TYR A 105 -3.01 11.65 16.24
N LEU A 106 -1.80 11.87 16.77
CA LEU A 106 -0.61 11.23 16.19
C LEU A 106 -0.01 10.14 17.10
N ILE A 107 -0.15 10.23 18.43
CA ILE A 107 0.42 9.20 19.29
C ILE A 107 -0.60 8.05 19.33
N LEU A 108 -0.15 6.86 18.86
CA LEU A 108 -0.97 5.65 18.83
C LEU A 108 -0.27 4.56 19.65
N ASN A 109 -0.28 4.73 20.97
CA ASN A 109 0.34 3.79 21.91
C ASN A 109 -0.53 2.56 22.09
N SER A 110 -0.10 1.42 21.49
CA SER A 110 -0.82 0.13 21.58
C SER A 110 -0.30 -0.71 22.75
N SER A 111 1.01 -0.58 23.09
CA SER A 111 1.76 -1.25 24.16
C SER A 111 1.46 -2.77 24.24
N ASP A 112 1.22 -3.31 25.47
CA ASP A 112 0.96 -4.72 25.84
C ASP A 112 2.22 -5.54 25.54
N CYS A 113 2.57 -5.70 24.26
CA CYS A 113 3.81 -6.36 23.83
C CYS A 113 4.58 -5.38 22.91
N PRO A 114 5.20 -4.30 23.47
CA PRO A 114 5.92 -3.36 22.60
C PRO A 114 7.29 -3.92 22.22
N LYS A 115 7.87 -3.43 21.11
CA LYS A 115 9.17 -3.88 20.57
C LYS A 115 9.14 -5.40 20.23
N ALA A 116 7.94 -5.95 19.94
CA ALA A 116 7.73 -7.34 19.57
C ALA A 116 8.16 -7.56 18.13
N GLY A 117 8.90 -8.64 17.89
CA GLY A 117 9.43 -8.97 16.57
C GLY A 117 10.48 -7.98 16.09
N ARG A 118 11.13 -7.27 17.04
CA ARG A 118 12.16 -6.28 16.74
C ARG A 118 13.53 -6.90 16.98
N HIS A 119 13.90 -7.85 16.13
CA HIS A 119 15.17 -8.55 16.21
C HIS A 119 16.13 -8.00 15.18
N ASN A 120 17.41 -8.00 15.54
CA ASN A 120 18.56 -7.47 14.81
C ASN A 120 18.70 -8.00 13.37
N TYR A 121 18.41 -9.29 13.13
CA TYR A 121 18.56 -9.89 11.80
C TYR A 121 17.49 -9.44 10.80
N ILE A 122 16.27 -9.10 11.25
CA ILE A 122 15.16 -8.67 10.39
C ILE A 122 15.48 -7.33 9.71
N PHE A 123 16.07 -6.38 10.44
CA PHE A 123 16.38 -5.04 9.93
C PHE A 123 17.54 -5.08 8.90
N VAL A 124 18.15 -6.26 8.69
CA VAL A 124 19.23 -6.49 7.73
C VAL A 124 18.76 -7.45 6.62
N MET A 125 18.12 -8.59 7.00
CA MET A 125 17.67 -9.66 6.09
C MET A 125 16.59 -9.21 5.10
N ILE A 126 15.53 -8.53 5.56
CA ILE A 126 14.41 -8.08 4.72
C ILE A 126 14.87 -6.98 3.70
N PRO A 127 15.58 -5.86 4.07
CA PRO A 127 15.98 -4.89 3.03
C PRO A 127 16.95 -5.45 1.97
N THR A 128 17.79 -6.46 2.33
CA THR A 128 18.72 -7.08 1.36
C THR A 128 17.94 -7.96 0.37
N LEU A 129 16.91 -8.68 0.86
CA LEU A 129 16.01 -9.53 0.06
C LEU A 129 15.13 -8.68 -0.86
N TYR A 130 14.67 -7.51 -0.36
CA TYR A 130 13.81 -6.57 -1.10
C TYR A 130 14.57 -5.88 -2.23
N SER A 131 15.90 -5.73 -2.07
CA SER A 131 16.78 -5.14 -3.08
C SER A 131 16.82 -6.01 -4.31
N ILE A 132 16.90 -7.34 -4.08
CA ILE A 132 16.95 -8.38 -5.10
C ILE A 132 15.60 -8.48 -5.80
N ILE A 133 14.48 -8.63 -5.04
CA ILE A 133 13.14 -8.70 -5.63
C ILE A 133 12.93 -7.50 -6.58
N PHE A 134 13.23 -6.26 -6.12
CA PHE A 134 13.04 -5.05 -6.92
C PHE A 134 13.87 -5.10 -8.22
N VAL A 135 15.22 -5.21 -8.12
CA VAL A 135 16.16 -5.21 -9.26
C VAL A 135 15.86 -6.38 -10.26
N VAL A 136 15.77 -7.63 -9.77
CA VAL A 136 15.50 -8.82 -10.60
C VAL A 136 14.12 -8.67 -11.29
N GLY A 137 13.10 -8.31 -10.51
CA GLY A 137 11.73 -8.13 -10.98
C GLY A 137 11.51 -7.02 -12.00
N ILE A 138 12.23 -5.89 -11.85
CA ILE A 138 12.08 -4.74 -12.75
C ILE A 138 12.58 -5.14 -14.15
N PHE A 139 13.79 -5.72 -14.24
CA PHE A 139 14.39 -6.18 -15.50
C PHE A 139 13.60 -7.37 -16.06
N GLY A 140 13.14 -8.24 -15.17
CA GLY A 140 12.37 -9.42 -15.52
C GLY A 140 11.05 -9.11 -16.20
N ASN A 141 10.18 -8.33 -15.52
CA ASN A 141 8.84 -7.99 -16.04
C ASN A 141 8.90 -7.01 -17.22
N SER A 142 9.93 -6.15 -17.32
CA SER A 142 10.03 -5.24 -18.47
C SER A 142 10.39 -6.04 -19.73
N LEU A 143 11.17 -7.14 -19.59
CA LEU A 143 11.50 -8.04 -20.70
C LEU A 143 10.24 -8.80 -21.16
N VAL A 144 9.35 -9.16 -20.22
CA VAL A 144 8.07 -9.86 -20.45
C VAL A 144 7.14 -8.97 -21.30
N VAL A 145 7.10 -7.65 -21.03
CA VAL A 145 6.29 -6.65 -21.76
C VAL A 145 6.78 -6.58 -23.23
N ILE A 146 8.12 -6.62 -23.45
CA ILE A 146 8.74 -6.58 -24.79
C ILE A 146 8.39 -7.88 -25.56
N VAL A 147 8.51 -9.05 -24.88
CA VAL A 147 8.22 -10.38 -25.44
C VAL A 147 6.75 -10.46 -25.87
N ILE A 148 5.81 -9.97 -25.04
CA ILE A 148 4.37 -10.00 -25.33
C ILE A 148 4.04 -9.11 -26.56
N TYR A 149 4.69 -7.94 -26.69
CA TYR A 149 4.45 -7.05 -27.82
C TYR A 149 5.09 -7.52 -29.13
N PHE A 150 6.25 -8.22 -29.08
CA PHE A 150 6.99 -8.62 -30.29
C PHE A 150 6.86 -10.11 -30.63
N TYR A 151 7.01 -11.02 -29.64
CA TYR A 151 6.94 -12.45 -29.87
C TYR A 151 5.47 -12.93 -29.93
N MET A 152 4.61 -12.45 -29.00
CA MET A 152 3.20 -12.83 -28.94
C MET A 152 2.33 -11.87 -29.77
N LYS A 153 2.80 -10.60 -29.94
CA LYS A 153 2.18 -9.50 -30.72
C LYS A 153 0.72 -9.21 -30.32
N LEU A 154 0.31 -9.58 -29.08
CA LEU A 154 -1.02 -9.39 -28.49
C LEU A 154 -2.13 -9.87 -29.46
N LYS A 155 -2.05 -11.14 -29.87
CA LYS A 155 -3.02 -11.71 -30.81
C LYS A 155 -4.03 -12.61 -30.10
N THR A 156 -3.74 -13.02 -28.84
CA THR A 156 -4.64 -13.87 -28.06
C THR A 156 -5.16 -13.15 -26.82
N VAL A 157 -6.23 -13.70 -26.22
CA VAL A 157 -6.89 -13.25 -24.99
C VAL A 157 -5.91 -13.41 -23.82
N ALA A 158 -5.21 -14.56 -23.78
CA ALA A 158 -4.22 -14.93 -22.76
C ALA A 158 -3.08 -13.91 -22.71
N SER A 159 -2.62 -13.42 -23.89
CA SER A 159 -1.54 -12.44 -24.05
C SER A 159 -1.85 -11.13 -23.32
N VAL A 160 -3.11 -10.64 -23.41
CA VAL A 160 -3.62 -9.40 -22.82
C VAL A 160 -3.55 -9.49 -21.28
N PHE A 161 -4.07 -10.59 -20.69
CA PHE A 161 -4.01 -10.79 -19.25
C PHE A 161 -2.57 -11.00 -18.76
N LEU A 162 -1.72 -11.69 -19.55
CA LEU A 162 -0.31 -11.92 -19.20
C LEU A 162 0.49 -10.61 -19.22
N LEU A 163 0.09 -9.64 -20.07
CA LEU A 163 0.70 -8.30 -20.13
C LEU A 163 0.28 -7.48 -18.89
N ASN A 164 -1.03 -7.50 -18.53
CA ASN A 164 -1.56 -6.76 -17.39
C ASN A 164 -0.95 -7.22 -16.06
N LEU A 165 -0.66 -8.53 -15.90
CA LEU A 165 -0.02 -9.11 -14.71
C LEU A 165 1.42 -8.56 -14.59
N ALA A 166 2.13 -8.34 -15.75
CA ALA A 166 3.47 -7.76 -15.76
C ALA A 166 3.43 -6.33 -15.25
N LEU A 167 2.47 -5.51 -15.74
CA LEU A 167 2.27 -4.12 -15.34
C LEU A 167 1.87 -4.01 -13.87
N ALA A 168 0.96 -4.88 -13.39
CA ALA A 168 0.54 -4.92 -11.98
C ALA A 168 1.74 -5.27 -11.08
N ASP A 169 2.54 -6.30 -11.46
CA ASP A 169 3.74 -6.73 -10.74
C ASP A 169 4.80 -5.61 -10.77
N LEU A 170 4.93 -4.91 -11.92
CA LEU A 170 5.86 -3.81 -12.13
C LEU A 170 5.50 -2.61 -11.22
N CYS A 171 4.18 -2.33 -11.05
CA CYS A 171 3.65 -1.25 -10.20
C CYS A 171 4.02 -1.48 -8.74
N PHE A 172 3.77 -2.68 -8.20
CA PHE A 172 4.11 -3.04 -6.83
C PHE A 172 5.62 -2.89 -6.59
N LEU A 173 6.44 -3.37 -7.56
CA LEU A 173 7.90 -3.30 -7.49
C LEU A 173 8.38 -1.86 -7.33
N LEU A 174 7.74 -0.89 -8.01
CA LEU A 174 8.09 0.53 -7.95
C LEU A 174 8.01 1.09 -6.51
N THR A 175 7.15 0.50 -5.65
CA THR A 175 7.00 0.93 -4.25
C THR A 175 7.88 0.12 -3.28
N LEU A 176 8.52 -0.96 -3.74
CA LEU A 176 9.31 -1.84 -2.88
C LEU A 176 10.51 -1.13 -2.17
N PRO A 177 11.35 -0.26 -2.81
CA PRO A 177 12.47 0.36 -2.06
C PRO A 177 12.02 1.21 -0.87
N LEU A 178 10.76 1.72 -0.89
CA LEU A 178 10.17 2.49 0.20
C LEU A 178 10.00 1.62 1.45
N TRP A 179 9.46 0.39 1.26
CA TRP A 179 9.23 -0.59 2.35
C TRP A 179 10.55 -1.24 2.79
N ALA A 180 11.57 -1.24 1.91
CA ALA A 180 12.89 -1.80 2.19
C ALA A 180 13.64 -0.93 3.21
N VAL A 181 13.69 0.40 2.99
CA VAL A 181 14.38 1.31 3.92
C VAL A 181 13.57 1.43 5.22
N TYR A 182 12.22 1.41 5.14
CA TYR A 182 11.33 1.45 6.31
C TYR A 182 11.75 0.38 7.33
N THR A 183 11.97 -0.86 6.85
CA THR A 183 12.40 -2.01 7.65
C THR A 183 13.86 -1.85 8.09
N ALA A 184 14.72 -1.29 7.22
CA ALA A 184 16.14 -1.07 7.48
C ALA A 184 16.36 0.02 8.55
N MET A 185 15.43 0.99 8.64
CA MET A 185 15.46 2.10 9.60
C MET A 185 14.75 1.71 10.92
N GLU A 186 14.44 0.40 11.07
CA GLU A 186 13.80 -0.25 12.22
C GLU A 186 12.34 0.26 12.38
N TYR A 187 11.56 0.12 11.30
CA TYR A 187 10.15 0.50 11.13
C TYR A 187 9.95 2.02 11.36
N ARG A 188 10.80 2.86 10.71
CA ARG A 188 10.68 4.32 10.72
C ARG A 188 10.38 4.79 9.31
N TRP A 189 9.23 5.46 9.13
CA TRP A 189 8.70 5.95 7.85
C TRP A 189 9.08 7.42 7.63
N PRO A 190 10.05 7.70 6.73
CA PRO A 190 10.44 9.09 6.51
C PRO A 190 9.83 9.73 5.24
N PHE A 191 8.77 9.14 4.65
CA PHE A 191 8.18 9.63 3.40
C PHE A 191 6.83 10.38 3.58
N GLY A 192 6.41 10.61 4.82
CA GLY A 192 5.17 11.32 5.09
C GLY A 192 3.90 10.50 5.00
N ASN A 193 2.75 11.20 4.96
CA ASN A 193 1.40 10.64 4.96
C ASN A 193 0.91 10.23 3.57
N TYR A 194 1.22 11.01 2.51
CA TYR A 194 0.79 10.75 1.13
C TYR A 194 1.34 9.43 0.60
N LEU A 195 2.65 9.20 0.80
CA LEU A 195 3.32 8.00 0.36
C LEU A 195 3.03 6.82 1.29
N CYS A 196 2.62 7.08 2.55
CA CYS A 196 2.24 6.01 3.48
C CYS A 196 0.96 5.36 2.95
N LYS A 197 0.04 6.19 2.43
CA LYS A 197 -1.24 5.77 1.88
C LYS A 197 -1.06 5.08 0.51
N ILE A 198 -0.37 5.73 -0.45
CA ILE A 198 -0.14 5.20 -1.80
C ILE A 198 0.69 3.90 -1.72
N ALA A 199 1.79 3.90 -0.94
CA ALA A 199 2.66 2.71 -0.82
C ALA A 199 1.94 1.53 -0.16
N SER A 200 0.96 1.78 0.72
CA SER A 200 0.20 0.71 1.38
C SER A 200 -0.92 0.21 0.45
N ALA A 201 -1.51 1.12 -0.35
CA ALA A 201 -2.57 0.81 -1.30
C ALA A 201 -2.02 0.02 -2.49
N SER A 202 -0.74 0.25 -2.85
CA SER A 202 -0.03 -0.40 -3.95
C SER A 202 0.26 -1.88 -3.61
N VAL A 203 0.48 -2.18 -2.31
CA VAL A 203 0.75 -3.54 -1.80
C VAL A 203 -0.58 -4.32 -1.79
N SER A 204 -1.67 -3.65 -1.40
CA SER A 204 -3.01 -4.22 -1.37
C SER A 204 -3.51 -4.50 -2.80
N PHE A 205 -3.37 -3.51 -3.72
CA PHE A 205 -3.76 -3.54 -5.14
C PHE A 205 -3.13 -4.74 -5.89
N ASN A 206 -1.86 -5.05 -5.59
CA ASN A 206 -1.11 -6.14 -6.21
C ASN A 206 -1.77 -7.49 -5.94
N LEU A 207 -2.31 -7.69 -4.73
CA LEU A 207 -2.97 -8.93 -4.35
C LEU A 207 -4.30 -9.10 -5.10
N TYR A 208 -5.14 -8.06 -5.12
CA TYR A 208 -6.46 -8.14 -5.75
C TYR A 208 -6.35 -8.29 -7.28
N ALA A 209 -5.58 -7.40 -7.96
CA ALA A 209 -5.38 -7.43 -9.41
C ALA A 209 -4.82 -8.77 -9.88
N SER A 210 -3.81 -9.32 -9.17
CA SER A 210 -3.23 -10.63 -9.49
C SER A 210 -4.29 -11.73 -9.40
N VAL A 211 -4.98 -11.82 -8.25
CA VAL A 211 -6.06 -12.78 -7.98
C VAL A 211 -7.15 -12.69 -9.08
N PHE A 212 -7.46 -11.47 -9.58
CA PHE A 212 -8.47 -11.28 -10.62
C PHE A 212 -7.94 -11.71 -11.99
N LEU A 213 -6.67 -11.42 -12.29
CA LEU A 213 -6.06 -11.79 -13.57
C LEU A 213 -5.86 -13.31 -13.65
N LEU A 214 -5.42 -13.93 -12.54
CA LEU A 214 -5.19 -15.38 -12.44
C LEU A 214 -6.51 -16.16 -12.58
N THR A 215 -7.64 -15.58 -12.17
CA THR A 215 -8.97 -16.18 -12.32
C THR A 215 -9.36 -16.13 -13.81
N CYS A 216 -9.16 -14.96 -14.47
CA CYS A 216 -9.47 -14.70 -15.88
C CYS A 216 -8.66 -15.61 -16.79
N LEU A 217 -7.36 -15.81 -16.51
CA LEU A 217 -6.50 -16.69 -17.31
C LEU A 217 -6.93 -18.15 -17.17
N SER A 218 -7.42 -18.56 -15.97
CA SER A 218 -7.88 -19.92 -15.70
C SER A 218 -9.14 -20.24 -16.51
N ILE A 219 -10.11 -19.29 -16.51
CA ILE A 219 -11.37 -19.42 -17.25
C ILE A 219 -11.03 -19.50 -18.75
N ASP A 220 -10.09 -18.63 -19.23
CA ASP A 220 -9.63 -18.63 -20.61
C ASP A 220 -9.04 -20.00 -20.99
N ARG A 221 -8.20 -20.59 -20.11
CA ARG A 221 -7.58 -21.90 -20.35
C ARG A 221 -8.63 -22.99 -20.37
N TYR A 222 -9.59 -22.93 -19.42
CA TYR A 222 -10.69 -23.88 -19.35
C TYR A 222 -11.52 -23.87 -20.66
N LEU A 223 -11.93 -22.68 -21.12
CA LEU A 223 -12.75 -22.53 -22.33
C LEU A 223 -11.95 -22.88 -23.59
N ALA A 224 -10.62 -22.63 -23.63
CA ALA A 224 -9.80 -22.94 -24.81
C ALA A 224 -9.64 -24.45 -25.01
N ILE A 225 -9.31 -25.18 -23.93
CA ILE A 225 -9.01 -26.62 -23.93
C ILE A 225 -10.28 -27.50 -23.81
N VAL A 226 -11.20 -27.19 -22.87
CA VAL A 226 -12.36 -28.05 -22.60
C VAL A 226 -13.54 -27.73 -23.55
N HIS A 227 -13.88 -26.44 -23.79
CA HIS A 227 -15.02 -26.14 -24.64
C HIS A 227 -14.65 -25.20 -25.81
N PRO A 228 -13.91 -25.67 -26.84
CA PRO A 228 -13.57 -24.77 -27.96
C PRO A 228 -14.78 -24.39 -28.80
N MET A 229 -14.76 -23.16 -29.29
CA MET A 229 -15.83 -22.61 -30.14
C MET A 229 -15.23 -21.67 -31.19
N LYS A 230 -16.08 -21.19 -32.15
CA LYS A 230 -15.67 -20.27 -33.21
C LYS A 230 -15.02 -19.04 -32.58
N SER A 231 -13.73 -18.82 -32.87
CA SER A 231 -12.94 -17.74 -32.30
C SER A 231 -13.16 -16.43 -33.06
N ARG A 232 -14.07 -15.60 -32.54
CA ARG A 232 -14.37 -14.27 -33.08
C ARG A 232 -13.44 -13.30 -32.36
N LEU A 233 -12.17 -13.27 -32.82
CA LEU A 233 -11.05 -12.53 -32.23
C LEU A 233 -11.37 -11.05 -31.95
N ARG A 234 -11.99 -10.34 -32.92
CA ARG A 234 -12.36 -8.92 -32.79
C ARG A 234 -13.22 -8.67 -31.53
N ARG A 235 -14.17 -9.57 -31.22
CA ARG A 235 -15.06 -9.47 -30.05
C ARG A 235 -14.39 -9.98 -28.77
N THR A 236 -13.57 -11.05 -28.87
CA THR A 236 -12.88 -11.63 -27.71
C THR A 236 -11.76 -10.71 -27.24
N MET A 237 -11.11 -9.97 -28.17
CA MET A 237 -10.06 -9.01 -27.82
C MET A 237 -10.68 -7.80 -27.16
N LEU A 238 -11.89 -7.41 -27.63
CA LEU A 238 -12.66 -6.29 -27.08
C LEU A 238 -13.09 -6.58 -25.65
N VAL A 239 -13.60 -7.81 -25.37
CA VAL A 239 -14.04 -8.16 -24.03
C VAL A 239 -12.83 -8.30 -23.09
N ALA A 240 -11.68 -8.84 -23.57
CA ALA A 240 -10.47 -9.01 -22.76
C ALA A 240 -9.86 -7.67 -22.37
N LYS A 241 -9.93 -6.67 -23.26
CA LYS A 241 -9.40 -5.32 -23.02
C LYS A 241 -10.24 -4.58 -21.97
N VAL A 242 -11.59 -4.73 -22.02
CA VAL A 242 -12.54 -4.10 -21.09
C VAL A 242 -12.40 -4.77 -19.70
N THR A 243 -12.39 -6.12 -19.65
CA THR A 243 -12.26 -6.93 -18.42
C THR A 243 -11.07 -6.47 -17.59
N CYS A 244 -9.93 -6.17 -18.23
CA CYS A 244 -8.70 -5.73 -17.56
C CYS A 244 -8.89 -4.33 -16.94
N ILE A 245 -9.59 -3.41 -17.62
CA ILE A 245 -9.87 -2.05 -17.10
C ILE A 245 -10.68 -2.19 -15.79
N ILE A 246 -11.74 -3.02 -15.82
CA ILE A 246 -12.65 -3.35 -14.72
C ILE A 246 -11.86 -3.97 -13.54
N ILE A 247 -10.84 -4.83 -13.84
CA ILE A 247 -9.95 -5.48 -12.85
C ILE A 247 -9.14 -4.41 -12.10
N TRP A 248 -8.50 -3.46 -12.84
CA TRP A 248 -7.72 -2.35 -12.28
C TRP A 248 -8.62 -1.44 -11.44
N LEU A 249 -9.92 -1.33 -11.82
CA LEU A 249 -10.95 -0.56 -11.12
C LEU A 249 -11.36 -1.28 -9.83
N LEU A 250 -11.69 -2.60 -9.90
CA LEU A 250 -12.09 -3.41 -8.75
C LEU A 250 -10.96 -3.51 -7.72
N ALA A 251 -9.69 -3.75 -8.17
CA ALA A 251 -8.52 -3.83 -7.29
C ALA A 251 -8.20 -2.44 -6.68
N GLY A 252 -8.51 -1.38 -7.42
CA GLY A 252 -8.36 0.00 -6.96
C GLY A 252 -9.37 0.31 -5.87
N LEU A 253 -10.64 -0.09 -6.09
CA LEU A 253 -11.75 0.06 -5.15
C LEU A 253 -11.61 -0.87 -3.95
N ALA A 254 -10.97 -2.05 -4.11
CA ALA A 254 -10.74 -2.99 -3.01
C ALA A 254 -9.60 -2.51 -2.08
N SER A 255 -8.68 -1.68 -2.62
CA SER A 255 -7.54 -1.15 -1.86
C SER A 255 -7.82 0.28 -1.29
N LEU A 256 -9.08 0.75 -1.41
CA LEU A 256 -9.55 2.04 -0.89
C LEU A 256 -9.37 2.13 0.65
N PRO A 257 -9.62 1.07 1.50
CA PRO A 257 -9.38 1.22 2.95
C PRO A 257 -7.97 1.71 3.31
N ALA A 258 -6.93 1.23 2.58
CA ALA A 258 -5.52 1.62 2.76
C ALA A 258 -5.32 3.11 2.50
N ILE A 259 -6.08 3.69 1.56
CA ILE A 259 -5.99 5.11 1.24
C ILE A 259 -6.72 5.92 2.35
N ILE A 260 -7.74 5.29 3.01
CA ILE A 260 -8.57 5.92 4.03
C ILE A 260 -7.95 5.81 5.45
N HIS A 261 -7.73 4.59 5.99
CA HIS A 261 -7.28 4.37 7.36
C HIS A 261 -5.73 4.27 7.57
N ARG A 262 -4.91 4.35 6.52
CA ARG A 262 -3.46 4.34 6.75
C ARG A 262 -2.95 5.75 6.98
N ASN A 263 -2.15 5.93 8.05
CA ASN A 263 -1.56 7.21 8.45
C ASN A 263 -0.22 7.01 9.16
N VAL A 264 0.57 8.09 9.25
CA VAL A 264 1.85 8.09 9.95
C VAL A 264 1.55 8.50 11.43
N PHE A 265 2.01 7.66 12.37
CA PHE A 265 1.81 7.81 13.80
C PHE A 265 3.08 7.57 14.60
N PHE A 266 3.18 8.22 15.78
CA PHE A 266 4.29 8.08 16.74
C PHE A 266 4.02 6.94 17.74
N ILE A 267 5.07 6.56 18.51
CA ILE A 267 5.01 5.53 19.56
C ILE A 267 5.47 6.15 20.89
N ILE A 272 9.91 7.77 17.02
CA ILE A 272 9.91 6.80 15.94
C ILE A 272 8.51 6.73 15.30
N THR A 273 8.40 7.16 14.02
CA THR A 273 7.16 7.18 13.25
C THR A 273 6.93 5.84 12.55
N VAL A 274 5.65 5.41 12.47
CA VAL A 274 5.29 4.15 11.81
C VAL A 274 4.14 4.37 10.82
N CYS A 275 4.20 3.71 9.66
CA CYS A 275 3.14 3.77 8.65
C CYS A 275 2.21 2.59 8.92
N ALA A 276 1.14 2.84 9.68
CA ALA A 276 0.22 1.79 10.11
C ALA A 276 -1.25 2.12 9.85
N PHE A 277 -2.08 1.07 9.95
CA PHE A 277 -3.53 1.12 9.77
C PHE A 277 -4.19 1.47 11.09
N HIS A 278 -5.18 2.37 11.08
CA HIS A 278 -5.90 2.75 12.30
C HIS A 278 -7.22 2.01 12.38
N TYR A 279 -7.46 1.34 13.52
CA TYR A 279 -8.65 0.56 13.79
C TYR A 279 -9.64 1.36 14.64
N GLU A 280 -10.92 1.39 14.21
CA GLU A 280 -12.02 2.09 14.90
C GLU A 280 -12.41 1.38 16.18
N THR A 285 -14.61 -5.73 16.97
CA THR A 285 -16.04 -5.74 16.64
C THR A 285 -16.20 -5.61 15.11
N LEU A 286 -15.70 -4.50 14.53
CA LEU A 286 -15.77 -4.18 13.09
C LEU A 286 -14.68 -4.91 12.25
N PRO A 287 -13.39 -5.08 12.69
CA PRO A 287 -12.41 -5.77 11.82
C PRO A 287 -12.66 -7.28 11.68
N ILE A 288 -13.47 -7.88 12.59
CA ILE A 288 -13.83 -9.30 12.57
C ILE A 288 -14.75 -9.56 11.37
N GLY A 289 -15.79 -8.73 11.23
CA GLY A 289 -16.78 -8.79 10.16
C GLY A 289 -16.30 -8.24 8.84
N LEU A 290 -15.05 -7.75 8.77
CA LEU A 290 -14.41 -7.21 7.57
C LEU A 290 -13.25 -8.11 7.13
N GLY A 291 -12.53 -8.69 8.11
CA GLY A 291 -11.43 -9.62 7.89
C GLY A 291 -11.90 -10.97 7.37
N LEU A 292 -13.18 -11.28 7.60
CA LEU A 292 -13.88 -12.49 7.15
C LEU A 292 -14.38 -12.28 5.72
N THR A 293 -14.65 -11.01 5.32
CA THR A 293 -15.13 -10.64 3.99
C THR A 293 -14.01 -10.72 2.93
N LYS A 294 -12.75 -10.40 3.29
CA LYS A 294 -11.61 -10.43 2.37
C LYS A 294 -11.18 -11.86 2.03
N ASN A 295 -11.24 -12.79 3.00
CA ASN A 295 -10.85 -14.19 2.81
C ASN A 295 -11.84 -14.93 1.89
N ILE A 296 -13.16 -14.71 2.10
CA ILE A 296 -14.25 -15.34 1.35
C ILE A 296 -14.37 -14.72 -0.09
N LEU A 297 -13.59 -13.66 -0.40
CA LEU A 297 -13.64 -12.99 -1.69
C LEU A 297 -12.28 -13.03 -2.40
N GLY A 298 -11.21 -12.71 -1.68
CA GLY A 298 -9.86 -12.63 -2.24
C GLY A 298 -8.98 -13.86 -2.14
N PHE A 299 -9.52 -15.02 -1.72
CA PHE A 299 -8.74 -16.24 -1.55
C PHE A 299 -9.60 -17.50 -1.59
N LEU A 300 -10.79 -17.52 -0.93
CA LEU A 300 -11.60 -18.76 -0.96
C LEU A 300 -12.41 -18.89 -2.26
N PHE A 301 -13.05 -17.79 -2.71
CA PHE A 301 -13.89 -17.80 -3.91
C PHE A 301 -13.07 -17.91 -5.21
N PRO A 302 -11.94 -17.16 -5.43
CA PRO A 302 -11.23 -17.28 -6.72
C PRO A 302 -10.45 -18.58 -6.85
N PHE A 303 -9.76 -19.02 -5.77
CA PHE A 303 -8.98 -20.25 -5.73
C PHE A 303 -9.88 -21.47 -5.98
N LEU A 304 -11.19 -21.32 -5.67
CA LEU A 304 -12.23 -22.34 -5.90
C LEU A 304 -12.53 -22.39 -7.41
N ILE A 305 -12.67 -21.22 -8.05
CA ILE A 305 -12.95 -21.09 -9.49
C ILE A 305 -11.72 -21.56 -10.29
N ILE A 306 -10.52 -21.10 -9.89
CA ILE A 306 -9.22 -21.42 -10.50
C ILE A 306 -8.99 -22.95 -10.51
N LEU A 307 -9.13 -23.63 -9.35
CA LEU A 307 -8.92 -25.08 -9.23
C LEU A 307 -9.90 -25.86 -10.11
N THR A 308 -11.20 -25.49 -10.13
CA THR A 308 -12.23 -26.15 -10.96
C THR A 308 -11.84 -26.05 -12.46
N SER A 309 -11.36 -24.87 -12.93
CA SER A 309 -10.92 -24.65 -14.29
C SER A 309 -9.74 -25.55 -14.63
N TYR A 310 -8.69 -25.55 -13.79
CA TYR A 310 -7.48 -26.33 -14.00
C TYR A 310 -7.63 -27.80 -13.74
N THR A 311 -8.58 -28.24 -12.89
CA THR A 311 -8.74 -29.68 -12.68
C THR A 311 -9.32 -30.26 -13.97
N LEU A 312 -10.19 -29.50 -14.67
CA LEU A 312 -10.81 -29.90 -15.92
C LEU A 312 -9.88 -29.77 -17.11
N ILE A 313 -9.01 -28.75 -17.13
CA ILE A 313 -8.11 -28.52 -18.26
C ILE A 313 -6.89 -29.47 -18.22
N TRP A 314 -6.25 -29.64 -17.05
CA TRP A 314 -5.09 -30.52 -16.90
C TRP A 314 -5.47 -31.95 -17.29
N LYS A 315 -6.66 -32.42 -16.86
CA LYS A 315 -7.20 -33.75 -17.18
C LYS A 315 -7.38 -33.95 -18.70
N ALA A 316 -7.83 -32.90 -19.41
CA ALA A 316 -8.09 -32.93 -20.85
C ALA A 316 -6.83 -32.59 -21.67
N LEU A 317 -5.66 -32.36 -21.03
CA LEU A 317 -4.42 -32.02 -21.74
C LEU A 317 -3.23 -32.93 -21.34
N LYS A 318 -3.29 -33.64 -20.18
CA LYS A 318 -2.23 -34.51 -19.65
C LYS A 318 -1.85 -35.68 -20.61
N LYS A 319 -2.51 -35.80 -21.78
CA LYS A 319 -2.24 -36.84 -22.76
C LYS A 319 -2.37 -36.30 -24.18
N ASN A 330 -0.60 -22.76 -26.69
CA ASN A 330 -1.73 -23.01 -25.80
C ASN A 330 -1.34 -23.86 -24.58
N ASP A 331 -0.53 -24.94 -24.79
CA ASP A 331 -0.05 -25.80 -23.72
C ASP A 331 1.14 -25.15 -23.05
N ASP A 332 2.04 -24.53 -23.86
CA ASP A 332 3.21 -23.79 -23.36
C ASP A 332 2.71 -22.61 -22.50
N ILE A 333 1.61 -21.96 -22.94
CA ILE A 333 0.94 -20.88 -22.21
C ILE A 333 0.31 -21.46 -20.94
N PHE A 334 -0.39 -22.63 -21.04
CA PHE A 334 -1.02 -23.32 -19.90
C PHE A 334 0.02 -23.65 -18.82
N LYS A 335 1.26 -24.04 -19.22
CA LYS A 335 2.37 -24.35 -18.32
C LYS A 335 2.78 -23.09 -17.56
N ILE A 336 2.83 -21.95 -18.28
CA ILE A 336 3.17 -20.63 -17.74
C ILE A 336 2.08 -20.22 -16.73
N ILE A 337 0.80 -20.27 -17.14
CA ILE A 337 -0.36 -19.88 -16.33
C ILE A 337 -0.49 -20.81 -15.09
N MET A 338 -0.21 -22.12 -15.24
CA MET A 338 -0.25 -23.10 -14.14
C MET A 338 0.87 -22.83 -13.12
N ALA A 339 2.08 -22.50 -13.59
CA ALA A 339 3.24 -22.25 -12.72
C ALA A 339 3.05 -20.96 -11.92
N ILE A 340 2.46 -19.91 -12.54
CA ILE A 340 2.21 -18.64 -11.87
C ILE A 340 1.07 -18.84 -10.82
N VAL A 341 0.06 -19.68 -11.14
CA VAL A 341 -1.07 -19.96 -10.25
C VAL A 341 -0.63 -20.85 -9.06
N LEU A 342 0.15 -21.93 -9.31
CA LEU A 342 0.60 -22.86 -8.26
C LEU A 342 1.55 -22.17 -7.27
N PHE A 343 2.53 -21.39 -7.77
CA PHE A 343 3.46 -20.68 -6.91
C PHE A 343 2.77 -19.60 -6.09
N PHE A 344 1.89 -18.78 -6.73
CA PHE A 344 1.15 -17.68 -6.09
C PHE A 344 0.40 -18.13 -4.85
N PHE A 345 -0.34 -19.26 -4.92
CA PHE A 345 -1.14 -19.72 -3.80
C PHE A 345 -0.30 -20.45 -2.73
N PHE A 346 0.76 -21.19 -3.11
CA PHE A 346 1.60 -21.88 -2.12
C PHE A 346 2.54 -20.92 -1.36
N SER A 347 2.69 -19.65 -1.83
CA SER A 347 3.55 -18.63 -1.21
C SER A 347 2.76 -17.73 -0.25
N TRP A 348 1.41 -17.71 -0.39
CA TRP A 348 0.52 -16.92 0.44
C TRP A 348 0.06 -17.68 1.71
N ILE A 349 0.20 -19.02 1.73
CA ILE A 349 -0.19 -19.86 2.88
C ILE A 349 0.59 -19.42 4.16
N PRO A 350 1.95 -19.33 4.20
CA PRO A 350 2.61 -18.90 5.46
C PRO A 350 1.99 -17.62 6.03
N HIS A 351 1.83 -16.57 5.18
CA HIS A 351 1.27 -15.30 5.61
C HIS A 351 -0.19 -15.44 6.04
N GLN A 352 -0.97 -16.32 5.39
CA GLN A 352 -2.38 -16.55 5.73
C GLN A 352 -2.55 -17.04 7.18
N ILE A 353 -1.67 -17.97 7.63
CA ILE A 353 -1.68 -18.54 8.99
C ILE A 353 -1.38 -17.45 10.02
N PHE A 354 -0.26 -16.71 9.85
CA PHE A 354 0.22 -15.69 10.77
C PHE A 354 -0.67 -14.44 10.80
N THR A 355 -1.36 -14.10 9.68
CA THR A 355 -2.28 -12.94 9.65
C THR A 355 -3.46 -13.23 10.59
N PHE A 356 -3.99 -14.47 10.56
CA PHE A 356 -5.07 -14.92 11.43
C PHE A 356 -4.59 -14.93 12.88
N LEU A 357 -3.33 -15.38 13.12
CA LEU A 357 -2.70 -15.42 14.43
C LEU A 357 -2.48 -14.00 14.98
N ASP A 358 -2.15 -13.02 14.10
CA ASP A 358 -1.99 -11.60 14.49
C ASP A 358 -3.33 -11.00 14.91
N VAL A 359 -4.44 -11.45 14.26
CA VAL A 359 -5.81 -11.03 14.56
C VAL A 359 -6.16 -11.49 16.00
N LEU A 360 -5.76 -12.73 16.38
CA LEU A 360 -5.97 -13.32 17.72
C LEU A 360 -5.22 -12.53 18.82
N ILE A 361 -4.10 -11.86 18.45
CA ILE A 361 -3.32 -11.03 19.38
C ILE A 361 -4.07 -9.71 19.58
N GLN A 362 -4.55 -9.10 18.46
CA GLN A 362 -5.26 -7.82 18.41
C GLN A 362 -6.63 -7.86 19.13
N LEU A 363 -7.25 -9.04 19.24
CA LEU A 363 -8.56 -9.21 19.90
C LEU A 363 -8.37 -9.39 21.42
N GLY A 364 -7.53 -10.36 21.81
CA GLY A 364 -7.26 -10.69 23.20
C GLY A 364 -7.42 -12.17 23.50
N ILE A 365 -7.47 -13.00 22.44
CA ILE A 365 -7.60 -14.45 22.52
C ILE A 365 -6.26 -15.01 23.00
N ILE A 366 -5.15 -14.60 22.34
CA ILE A 366 -3.79 -14.98 22.69
C ILE A 366 -3.09 -13.73 23.22
N ARG A 367 -3.02 -13.62 24.55
CA ARG A 367 -2.39 -12.52 25.28
C ARG A 367 -1.12 -13.08 25.92
N ASP A 368 -0.07 -13.23 25.08
CA ASP A 368 1.23 -13.77 25.45
C ASP A 368 2.28 -13.14 24.55
N CYS A 369 3.22 -12.38 25.15
CA CYS A 369 4.30 -11.69 24.44
C CYS A 369 5.31 -12.69 23.86
N ARG A 370 5.39 -13.91 24.43
CA ARG A 370 6.29 -14.95 23.92
C ARG A 370 5.76 -15.44 22.56
N ILE A 371 4.42 -15.58 22.44
CA ILE A 371 3.76 -16.00 21.20
C ILE A 371 3.71 -14.78 20.26
N ALA A 372 3.34 -13.59 20.79
CA ALA A 372 3.25 -12.33 20.03
C ALA A 372 4.56 -12.02 19.29
N ASP A 373 5.71 -12.41 19.88
CA ASP A 373 7.04 -12.21 19.30
C ASP A 373 7.23 -13.11 18.08
N ILE A 374 6.92 -14.43 18.21
CA ILE A 374 7.02 -15.45 17.16
C ILE A 374 6.20 -15.01 15.92
N VAL A 375 5.02 -14.40 16.14
CA VAL A 375 4.13 -13.93 15.07
C VAL A 375 4.72 -12.64 14.46
N ASP A 376 5.14 -11.67 15.30
CA ASP A 376 5.68 -10.40 14.81
C ASP A 376 7.11 -10.52 14.23
N THR A 377 7.81 -11.65 14.44
CA THR A 377 9.16 -11.86 13.88
C THR A 377 9.05 -12.61 12.53
N ALA A 378 7.95 -13.38 12.32
CA ALA A 378 7.71 -14.17 11.13
C ALA A 378 6.95 -13.40 10.04
N MET A 379 6.02 -12.51 10.42
CA MET A 379 5.21 -11.71 9.48
C MET A 379 6.08 -10.92 8.45
N PRO A 380 7.23 -10.25 8.77
CA PRO A 380 8.02 -9.60 7.70
C PRO A 380 8.60 -10.59 6.69
N ILE A 381 8.89 -11.82 7.14
CA ILE A 381 9.44 -12.91 6.33
C ILE A 381 8.32 -13.53 5.47
N THR A 382 7.10 -13.66 6.03
CA THR A 382 5.95 -14.26 5.33
C THR A 382 5.36 -13.30 4.29
N ILE A 383 5.38 -11.98 4.53
CA ILE A 383 4.85 -10.98 3.57
C ILE A 383 5.85 -10.84 2.39
N CYS A 384 7.13 -11.19 2.63
CA CYS A 384 8.19 -11.19 1.60
C CYS A 384 7.94 -12.34 0.60
N ILE A 385 7.64 -13.55 1.09
CA ILE A 385 7.37 -14.75 0.27
C ILE A 385 6.01 -14.60 -0.47
N ALA A 386 4.99 -13.98 0.17
CA ALA A 386 3.67 -13.75 -0.41
C ALA A 386 3.69 -12.64 -1.49
N TYR A 387 4.83 -11.90 -1.61
CA TYR A 387 5.01 -10.87 -2.62
C TYR A 387 6.29 -11.16 -3.48
N PHE A 388 6.96 -12.32 -3.22
CA PHE A 388 8.16 -12.79 -3.92
C PHE A 388 7.87 -13.12 -5.40
N ASN A 389 6.59 -13.41 -5.74
CA ASN A 389 6.14 -13.78 -7.10
C ASN A 389 6.35 -12.65 -8.11
N ASN A 390 6.35 -11.38 -7.68
CA ASN A 390 6.50 -10.22 -8.56
C ASN A 390 7.88 -10.26 -9.26
N CYS A 391 8.91 -10.92 -8.66
CA CYS A 391 10.22 -11.06 -9.30
C CYS A 391 10.41 -12.44 -9.91
N LEU A 392 9.63 -13.44 -9.46
CA LEU A 392 9.73 -14.83 -9.92
C LEU A 392 8.83 -15.13 -11.14
N ASN A 393 7.65 -14.47 -11.26
CA ASN A 393 6.72 -14.66 -12.38
C ASN A 393 7.43 -14.53 -13.74
N PRO A 394 8.27 -13.49 -14.02
CA PRO A 394 8.94 -13.41 -15.35
C PRO A 394 9.80 -14.63 -15.68
N LEU A 395 10.40 -15.28 -14.65
CA LEU A 395 11.25 -16.47 -14.82
C LEU A 395 10.44 -17.70 -15.30
N PHE A 396 9.09 -17.72 -15.08
CA PHE A 396 8.22 -18.83 -15.49
C PHE A 396 7.93 -18.81 -17.00
N TYR A 397 8.54 -17.88 -17.75
CA TYR A 397 8.36 -17.79 -19.20
C TYR A 397 9.42 -18.66 -19.93
N GLY A 398 10.22 -19.41 -19.15
CA GLY A 398 11.25 -20.32 -19.64
C GLY A 398 10.69 -21.50 -20.41
N PHE A 399 9.37 -21.75 -20.31
CA PHE A 399 8.65 -22.79 -21.03
C PHE A 399 8.55 -22.44 -22.51
N LEU A 400 8.69 -21.14 -22.85
CA LEU A 400 8.64 -20.62 -24.21
C LEU A 400 10.04 -20.54 -24.83
N GLY A 401 11.08 -20.69 -24.01
CA GLY A 401 12.51 -20.62 -24.36
C GLY A 401 12.95 -21.32 -25.64
N LYS A 402 12.52 -22.58 -25.84
CA LYS A 402 12.88 -23.39 -27.02
C LYS A 402 12.24 -22.85 -28.30
N LYS A 403 11.01 -22.30 -28.19
CA LYS A 403 10.25 -21.72 -29.31
C LYS A 403 10.65 -20.27 -29.56
N PHE A 404 11.12 -19.56 -28.50
CA PHE A 404 11.56 -18.18 -28.57
C PHE A 404 12.92 -18.06 -29.25
N LYS A 405 13.86 -18.99 -28.94
CA LYS A 405 15.19 -19.00 -29.55
C LYS A 405 15.06 -19.30 -31.06
N ARG A 406 13.99 -20.03 -31.44
CA ARG A 406 13.65 -20.39 -32.80
C ARG A 406 13.21 -19.13 -33.57
N TYR A 407 12.47 -18.22 -32.90
CA TYR A 407 12.01 -16.95 -33.46
C TYR A 407 13.15 -15.92 -33.54
N PHE A 408 13.94 -15.80 -32.45
CA PHE A 408 15.08 -14.88 -32.31
C PHE A 408 16.11 -15.09 -33.44
N LEU A 409 16.50 -16.36 -33.70
CA LEU A 409 17.46 -16.73 -34.74
C LEU A 409 16.91 -16.42 -36.11
N GLN A 410 15.64 -16.78 -36.38
CA GLN A 410 14.92 -16.52 -37.65
C GLN A 410 14.82 -15.01 -37.94
N LEU A 411 14.74 -14.16 -36.89
CA LEU A 411 14.66 -12.71 -36.99
C LEU A 411 16.00 -12.10 -37.45
N LEU A 412 17.00 -12.01 -36.55
CA LEU A 412 18.35 -11.49 -36.82
C LEU A 412 19.38 -12.06 -35.84
#